data_6M8A
#
_entry.id   6M8A
#
_cell.length_a   78.292
_cell.length_b   78.292
_cell.length_c   85.045
_cell.angle_alpha   90.00
_cell.angle_beta   90.00
_cell.angle_gamma   90.00
#
_symmetry.space_group_name_H-M   'P 42 21 2'
#
loop_
_entity.id
_entity.type
_entity.pdbx_description
1 polymer 'Inositol polyphosphate multikinase,Inositol polyphosphate multikinase'
2 non-polymer 2-(3,4-dihydroxyphenyl)-5,7-dihydroxy-4H-chromen-4-one
3 water water
#
_entity_poly.entity_id   1
_entity_poly.type   'polypeptide(L)'
_entity_poly.pdbx_seq_one_letter_code
;GSFTSHQVAGHMYGKDKVGILQHPDGTVLKQLQPPPRGPRELEFYNMVYAADCFDGVLLELRKYLPKYYGIWSPPTAPND
LYLKLEDVTHKFNKPCIMDVKIGQKSYDPFASSEKIQQQVSKYPLMEEIGFLVLGMRVYHVHSDSYETENQHYGRSLTKE
TIKDGVSRFFHNGYCLRKDAVAASIQKIEKILQWFENQKQLNFYASSLLFVYEGSSQGGSGGEVEVRMIDFAHVFPSNTI
DEGYVYGLKHLISVLRSILDN
;
_entity_poly.pdbx_strand_id   A
#
# COMPACT_ATOMS: atom_id res chain seq x y z
N ILE A 20 -7.01 11.20 5.01
CA ILE A 20 -7.08 10.19 6.11
C ILE A 20 -7.20 10.90 7.45
N LEU A 21 -8.34 10.69 8.12
CA LEU A 21 -8.57 11.21 9.47
C LEU A 21 -8.39 10.08 10.47
N GLN A 22 -7.39 10.20 11.35
CA GLN A 22 -7.18 9.20 12.41
C GLN A 22 -8.18 9.44 13.54
N HIS A 23 -8.88 8.38 13.94
CA HIS A 23 -9.86 8.41 15.03
C HIS A 23 -9.21 7.78 16.27
N PRO A 24 -9.36 8.41 17.46
CA PRO A 24 -8.85 7.84 18.73
C PRO A 24 -9.20 6.38 19.04
N ASP A 25 -10.35 5.89 18.54
CA ASP A 25 -10.77 4.48 18.73
C ASP A 25 -10.09 3.45 17.81
N GLY A 26 -8.98 3.82 17.17
CA GLY A 26 -8.20 2.89 16.36
C GLY A 26 -8.76 2.65 14.96
N THR A 27 -9.58 3.58 14.48
CA THR A 27 -10.05 3.54 13.09
C THR A 27 -9.60 4.79 12.37
N VAL A 28 -9.75 4.76 11.07
CA VAL A 28 -9.55 5.94 10.25
C VAL A 28 -10.81 6.12 9.42
N LEU A 29 -11.04 7.35 9.00
CA LEU A 29 -12.08 7.68 8.06
C LEU A 29 -11.37 8.12 6.79
N LYS A 30 -11.67 7.44 5.68
CA LYS A 30 -11.14 7.78 4.37
C LYS A 30 -12.30 8.33 3.54
N GLN A 31 -12.22 9.61 3.21
CA GLN A 31 -13.28 10.27 2.46
C GLN A 31 -13.26 9.71 1.04
N LEU A 32 -14.44 9.39 0.48
CA LEU A 32 -14.49 8.92 -0.90
C LEU A 32 -13.86 9.96 -1.82
N GLN A 33 -12.99 9.51 -2.72
CA GLN A 33 -12.48 10.37 -3.79
C GLN A 33 -13.65 10.74 -4.71
N PRO A 34 -13.50 11.82 -5.50
CA PRO A 34 -14.57 12.20 -6.43
C PRO A 34 -14.90 11.06 -7.40
N PRO A 35 -16.10 11.08 -7.98
CA PRO A 35 -16.48 10.02 -8.89
C PRO A 35 -15.61 10.07 -10.16
N PRO A 36 -15.34 8.94 -10.82
CA PRO A 36 -15.79 7.60 -10.45
C PRO A 36 -14.96 6.87 -9.38
N ARG A 37 -13.84 7.43 -8.96
CA ARG A 37 -12.88 6.76 -8.07
C ARG A 37 -13.44 6.35 -6.68
N GLY A 38 -14.02 7.29 -5.94
CA GLY A 38 -14.60 6.97 -4.63
C GLY A 38 -15.67 5.89 -4.68
N PRO A 39 -16.66 6.06 -5.56
CA PRO A 39 -17.69 5.02 -5.73
C PRO A 39 -17.12 3.63 -6.04
N ARG A 40 -16.08 3.56 -6.87
CA ARG A 40 -15.43 2.27 -7.19
C ARG A 40 -14.74 1.66 -5.98
N GLU A 41 -14.08 2.49 -5.18
CA GLU A 41 -13.43 1.98 -3.96
C GLU A 41 -14.45 1.48 -2.95
N LEU A 42 -15.55 2.22 -2.80
CA LEU A 42 -16.66 1.74 -1.96
C LEU A 42 -17.15 0.38 -2.43
N GLU A 43 -17.37 0.22 -3.73
CA GLU A 43 -17.89 -1.06 -4.22
C GLU A 43 -16.90 -2.20 -4.05
N PHE A 44 -15.60 -1.89 -4.19
CA PHE A 44 -14.57 -2.89 -3.89
C PHE A 44 -14.65 -3.39 -2.45
N TYR A 45 -14.61 -2.48 -1.48
CA TYR A 45 -14.74 -2.89 -0.07
C TYR A 45 -16.07 -3.65 0.16
N ASN A 46 -17.18 -3.18 -0.42
CA ASN A 46 -18.47 -3.87 -0.26
C ASN A 46 -18.48 -5.29 -0.83
N MET A 47 -17.84 -5.49 -1.97
CA MET A 47 -17.72 -6.82 -2.59
C MET A 47 -16.89 -7.76 -1.72
N VAL A 48 -15.73 -7.30 -1.29
CA VAL A 48 -14.80 -8.15 -0.53
C VAL A 48 -15.36 -8.54 0.84
N TYR A 49 -16.00 -7.59 1.51
CA TYR A 49 -16.49 -7.76 2.87
C TYR A 49 -17.99 -8.09 2.95
N ALA A 50 -18.60 -8.47 1.83
CA ALA A 50 -20.00 -8.87 1.81
C ALA A 50 -20.21 -10.02 2.80
N ALA A 51 -21.16 -9.85 3.72
CA ALA A 51 -21.42 -10.83 4.78
C ALA A 51 -21.74 -12.23 4.25
N ASP A 52 -22.41 -12.30 3.09
CA ASP A 52 -22.78 -13.58 2.46
C ASP A 52 -21.78 -14.09 1.40
N CYS A 53 -20.56 -13.54 1.40
CA CYS A 53 -19.50 -13.97 0.49
C CYS A 53 -18.81 -15.23 1.02
N PHE A 54 -18.80 -16.29 0.22
CA PHE A 54 -18.05 -17.51 0.51
C PHE A 54 -17.02 -17.85 -0.59
N ASP A 55 -16.70 -16.86 -1.43
CA ASP A 55 -15.59 -16.99 -2.38
C ASP A 55 -14.28 -17.03 -1.58
N GLY A 56 -13.60 -18.18 -1.64
CA GLY A 56 -12.34 -18.39 -0.93
C GLY A 56 -11.23 -17.39 -1.25
N VAL A 57 -11.20 -16.94 -2.50
CA VAL A 57 -10.23 -15.94 -2.93
C VAL A 57 -10.47 -14.63 -2.15
N LEU A 58 -11.73 -14.20 -2.07
CA LEU A 58 -12.06 -12.95 -1.38
C LEU A 58 -11.94 -13.05 0.14
N LEU A 59 -12.34 -14.19 0.71
CA LEU A 59 -12.16 -14.42 2.15
C LEU A 59 -10.67 -14.37 2.53
N GLU A 60 -9.79 -14.96 1.73
CA GLU A 60 -8.35 -14.88 2.02
C GLU A 60 -7.84 -13.43 1.86
N LEU A 61 -8.34 -12.70 0.86
CA LEU A 61 -7.91 -11.32 0.62
C LEU A 61 -8.13 -10.41 1.83
N ARG A 62 -9.25 -10.64 2.54
CA ARG A 62 -9.59 -9.87 3.77
C ARG A 62 -8.44 -9.76 4.78
N LYS A 63 -7.64 -10.81 4.89
CA LYS A 63 -6.51 -10.83 5.84
C LYS A 63 -5.49 -9.71 5.57
N TYR A 64 -5.37 -9.30 4.30
CA TYR A 64 -4.35 -8.38 3.84
C TYR A 64 -4.82 -6.95 3.71
N LEU A 65 -6.13 -6.72 3.92
CA LEU A 65 -6.73 -5.39 3.86
C LEU A 65 -6.96 -4.87 5.28
N PRO A 66 -7.12 -3.54 5.45
CA PRO A 66 -7.65 -3.07 6.73
C PRO A 66 -9.04 -3.65 6.95
N LYS A 67 -9.40 -3.94 8.19
CA LYS A 67 -10.76 -4.34 8.48
C LYS A 67 -11.68 -3.17 8.07
N TYR A 68 -12.83 -3.54 7.52
CA TYR A 68 -13.79 -2.60 6.96
C TYR A 68 -15.07 -2.61 7.81
N TYR A 69 -15.55 -1.43 8.16
CA TYR A 69 -16.68 -1.24 9.05
C TYR A 69 -17.88 -0.62 8.33
N GLY A 70 -17.83 -0.61 7.00
CA GLY A 70 -18.91 -0.07 6.20
C GLY A 70 -18.73 1.40 5.86
N ILE A 71 -19.65 1.86 5.02
CA ILE A 71 -19.77 3.27 4.69
C ILE A 71 -20.14 4.06 5.95
N TRP A 72 -19.58 5.25 6.07
CA TRP A 72 -19.93 6.14 7.19
C TRP A 72 -20.13 7.57 6.68
N SER A 73 -21.07 8.30 7.28
CA SER A 73 -21.21 9.73 7.02
C SER A 73 -21.62 10.43 8.32
N PRO A 74 -21.26 11.73 8.48
CA PRO A 74 -21.65 12.40 9.74
C PRO A 74 -23.17 12.41 9.93
N PRO A 75 -23.66 12.30 11.18
CA PRO A 75 -25.10 12.27 11.52
C PRO A 75 -25.96 13.34 10.81
N THR A 76 -25.42 14.56 10.71
CA THR A 76 -26.09 15.69 10.09
C THR A 76 -25.73 15.93 8.60
N ALA A 77 -24.94 15.03 7.99
CA ALA A 77 -24.42 15.26 6.64
C ALA A 77 -24.36 13.96 5.82
N PRO A 78 -25.55 13.47 5.36
CA PRO A 78 -25.60 12.25 4.52
C PRO A 78 -24.85 12.35 3.18
N ASN A 79 -24.69 13.58 2.68
CA ASN A 79 -23.87 13.86 1.49
C ASN A 79 -22.38 13.47 1.60
N ASP A 80 -21.82 13.56 2.81
CA ASP A 80 -20.36 13.49 3.01
C ASP A 80 -19.92 12.05 3.31
N LEU A 81 -19.39 11.38 2.28
CA LEU A 81 -19.15 9.92 2.31
C LEU A 81 -17.71 9.49 2.68
N TYR A 82 -17.60 8.60 3.68
CA TYR A 82 -16.31 8.02 4.09
C TYR A 82 -16.39 6.52 4.16
N LEU A 83 -15.23 5.88 4.08
CA LEU A 83 -15.08 4.49 4.46
C LEU A 83 -14.50 4.49 5.86
N LYS A 84 -15.09 3.69 6.74
CA LYS A 84 -14.59 3.51 8.10
C LYS A 84 -13.71 2.27 8.06
N LEU A 85 -12.43 2.46 8.34
CA LEU A 85 -11.42 1.41 8.20
C LEU A 85 -10.59 1.28 9.47
N GLU A 86 -10.08 0.08 9.73
CA GLU A 86 -9.08 -0.17 10.77
C GLU A 86 -7.86 0.74 10.58
N ASP A 87 -7.37 1.34 11.66
CA ASP A 87 -6.10 2.05 11.64
C ASP A 87 -5.02 1.03 11.90
N VAL A 88 -4.33 0.64 10.84
CA VAL A 88 -3.32 -0.41 10.93
C VAL A 88 -2.07 0.00 11.74
N THR A 89 -1.95 1.27 12.10
CA THR A 89 -0.84 1.78 12.93
C THR A 89 -1.16 1.82 14.43
N HIS A 90 -2.42 1.53 14.79
CA HIS A 90 -2.91 1.76 16.14
C HIS A 90 -2.21 0.94 17.25
N LYS A 91 -1.78 -0.28 16.95
CA LYS A 91 -1.10 -1.12 17.95
C LYS A 91 0.37 -0.72 18.21
N PHE A 92 0.89 0.23 17.44
CA PHE A 92 2.29 0.67 17.58
C PHE A 92 2.43 1.89 18.49
N ASN A 93 3.58 1.99 19.16
CA ASN A 93 3.94 3.14 20.00
C ASN A 93 4.47 4.31 19.15
N LYS A 94 5.53 4.04 18.39
CA LYS A 94 6.15 5.03 17.50
C LYS A 94 6.16 4.44 16.09
N PRO A 95 4.99 4.39 15.44
CA PRO A 95 4.95 3.72 14.14
C PRO A 95 5.80 4.40 13.08
N CYS A 96 6.59 3.60 12.36
CA CYS A 96 7.27 4.02 11.16
C CYS A 96 6.44 3.49 10.01
N ILE A 97 6.06 4.37 9.10
CA ILE A 97 5.06 4.08 8.09
C ILE A 97 5.62 4.41 6.70
N MET A 98 5.49 3.47 5.77
CA MET A 98 5.82 3.73 4.36
C MET A 98 4.68 3.23 3.47
N ASP A 99 4.33 4.04 2.48
CA ASP A 99 3.29 3.74 1.51
C ASP A 99 3.97 3.53 0.15
N VAL A 100 3.78 2.36 -0.45
CA VAL A 100 4.39 2.03 -1.74
C VAL A 100 3.32 1.62 -2.74
N LYS A 101 3.21 2.39 -3.82
CA LYS A 101 2.33 2.06 -4.94
C LYS A 101 2.93 0.91 -5.71
N ILE A 102 2.11 -0.06 -6.07
CA ILE A 102 2.60 -1.30 -6.69
C ILE A 102 2.05 -1.43 -8.12
N GLY A 103 2.90 -1.90 -9.03
CA GLY A 103 2.50 -2.27 -10.39
C GLY A 103 3.31 -1.59 -11.48
N GLN A 104 3.13 -2.04 -12.71
CA GLN A 104 3.83 -1.44 -13.85
C GLN A 104 3.07 -0.28 -14.48
N LYS A 105 1.76 -0.28 -14.29
CA LYS A 105 0.86 0.73 -14.82
C LYS A 105 0.04 1.31 -13.67
N SER A 106 0.04 2.63 -13.54
N SER A 106 0.04 2.64 -13.57
CA SER A 106 -0.81 3.33 -12.57
CA SER A 106 -0.78 3.38 -12.61
C SER A 106 -2.19 3.65 -13.17
C SER A 106 -2.04 3.96 -13.25
N TYR A 107 -2.31 3.57 -14.50
CA TYR A 107 -3.57 3.88 -15.19
C TYR A 107 -4.30 2.57 -15.38
N ASP A 108 -5.62 2.65 -15.53
CA ASP A 108 -6.44 1.45 -15.58
C ASP A 108 -6.80 1.09 -17.03
N PRO A 109 -7.46 -0.07 -17.27
CA PRO A 109 -7.69 -0.49 -18.66
C PRO A 109 -8.64 0.38 -19.48
N PHE A 110 -9.29 1.36 -18.85
CA PHE A 110 -10.25 2.24 -19.52
C PHE A 110 -9.82 3.71 -19.48
N ALA A 111 -8.53 3.93 -19.33
CA ALA A 111 -7.96 5.27 -19.35
C ALA A 111 -7.82 5.76 -20.79
N SER A 112 -8.16 7.02 -21.01
CA SER A 112 -7.92 7.70 -22.28
C SER A 112 -6.43 7.91 -22.51
N SER A 113 -6.06 8.29 -23.75
CA SER A 113 -4.67 8.59 -24.09
C SER A 113 -4.05 9.66 -23.18
N GLU A 114 -4.85 10.68 -22.88
CA GLU A 114 -4.44 11.81 -22.05
C GLU A 114 -4.21 11.37 -20.60
N LYS A 115 -5.14 10.54 -20.10
CA LYS A 115 -5.07 9.95 -18.77
C LYS A 115 -3.82 9.09 -18.61
N ILE A 116 -3.58 8.23 -19.62
CA ILE A 116 -2.39 7.39 -19.63
C ILE A 116 -1.12 8.24 -19.58
N GLN A 117 -1.07 9.25 -20.43
CA GLN A 117 0.05 10.18 -20.43
C GLN A 117 0.21 10.89 -19.09
N GLN A 118 -0.89 11.31 -18.49
CA GLN A 118 -0.83 11.95 -17.17
C GLN A 118 -0.22 10.99 -16.16
N GLN A 119 -0.69 9.75 -16.14
CA GLN A 119 -0.21 8.78 -15.14
C GLN A 119 1.24 8.38 -15.35
N VAL A 120 1.62 8.11 -16.60
CA VAL A 120 3.00 7.73 -16.88
C VAL A 120 3.95 8.89 -16.54
N SER A 121 3.58 10.13 -16.89
CA SER A 121 4.43 11.29 -16.59
C SER A 121 4.63 11.57 -15.11
N LYS A 122 3.69 11.16 -14.25
CA LYS A 122 3.87 11.28 -12.80
C LYS A 122 5.11 10.50 -12.33
N TYR A 123 5.38 9.36 -12.97
CA TYR A 123 6.58 8.56 -12.71
C TYR A 123 6.85 7.61 -13.87
N PRO A 124 7.65 8.05 -14.84
CA PRO A 124 7.82 7.26 -16.08
C PRO A 124 8.67 5.97 -15.92
N LEU A 125 9.21 5.74 -14.73
CA LEU A 125 9.95 4.51 -14.40
C LEU A 125 9.06 3.40 -13.83
N MET A 126 7.74 3.62 -13.81
CA MET A 126 6.84 2.66 -13.19
C MET A 126 6.91 1.29 -13.87
N GLU A 127 6.99 1.29 -15.20
CA GLU A 127 7.05 0.04 -15.97
C GLU A 127 8.34 -0.72 -15.64
N GLU A 128 9.44 0.02 -15.60
CA GLU A 128 10.76 -0.55 -15.28
C GLU A 128 10.88 -1.07 -13.85
N ILE A 129 10.47 -0.28 -12.88
CA ILE A 129 10.70 -0.63 -11.46
C ILE A 129 9.54 -1.45 -10.87
N GLY A 130 8.31 -1.09 -11.23
CA GLY A 130 7.13 -1.82 -10.75
C GLY A 130 6.61 -1.37 -9.40
N PHE A 131 7.20 -0.33 -8.83
CA PHE A 131 6.70 0.27 -7.60
C PHE A 131 7.22 1.69 -7.44
N LEU A 132 6.53 2.44 -6.60
CA LEU A 132 6.85 3.83 -6.35
C LEU A 132 6.57 4.15 -4.89
N VAL A 133 7.58 4.66 -4.19
CA VAL A 133 7.38 5.07 -2.80
C VAL A 133 6.55 6.36 -2.80
N LEU A 134 5.37 6.32 -2.19
CA LEU A 134 4.50 7.49 -2.10
C LEU A 134 4.89 8.42 -0.96
N GLY A 135 5.41 7.86 0.12
CA GLY A 135 5.86 8.66 1.24
C GLY A 135 6.36 7.77 2.36
N MET A 136 7.04 8.38 3.32
CA MET A 136 7.41 7.67 4.52
C MET A 136 7.52 8.61 5.72
N ARG A 137 7.35 8.02 6.88
CA ARG A 137 7.46 8.69 8.15
C ARG A 137 8.29 7.75 9.01
N VAL A 138 9.50 8.19 9.39
CA VAL A 138 10.45 7.35 10.12
C VAL A 138 10.79 8.01 11.46
N TYR A 139 10.56 7.28 12.56
CA TYR A 139 10.94 7.76 13.90
C TYR A 139 12.45 7.61 14.09
N HIS A 140 13.09 8.67 14.58
CA HIS A 140 14.52 8.63 14.88
C HIS A 140 14.72 8.67 16.39
N VAL A 141 15.38 7.65 16.92
CA VAL A 141 15.53 7.46 18.36
C VAL A 141 16.43 8.53 18.97
N HIS A 142 17.57 8.77 18.34
CA HIS A 142 18.54 9.80 18.76
C HIS A 142 17.96 11.20 19.04
N SER A 143 16.95 11.60 18.27
CA SER A 143 16.33 12.93 18.39
C SER A 143 14.87 12.93 18.90
N ASP A 144 14.29 11.75 19.11
CA ASP A 144 12.89 11.60 19.52
C ASP A 144 11.98 12.41 18.59
N SER A 145 12.08 12.11 17.30
CA SER A 145 11.44 12.90 16.26
C SER A 145 11.20 12.08 15.02
N TYR A 146 10.32 12.58 14.16
CA TYR A 146 9.99 11.93 12.90
C TYR A 146 10.64 12.67 11.73
N GLU A 147 11.15 11.90 10.76
CA GLU A 147 11.61 12.41 9.48
C GLU A 147 10.60 11.96 8.43
N THR A 148 10.08 12.90 7.63
CA THR A 148 9.06 12.58 6.64
C THR A 148 9.55 12.81 5.22
N GLU A 149 9.11 11.97 4.29
CA GLU A 149 9.34 12.16 2.87
C GLU A 149 7.99 12.20 2.18
N ASN A 150 7.87 13.13 1.21
CA ASN A 150 6.62 13.35 0.47
C ASN A 150 6.68 12.62 -0.87
N GLN A 151 5.68 12.82 -1.74
CA GLN A 151 5.61 12.08 -3.02
C GLN A 151 6.80 12.35 -3.96
N HIS A 152 7.46 13.50 -3.83
CA HIS A 152 8.58 13.85 -4.72
C HIS A 152 9.85 13.05 -4.40
N TYR A 153 9.93 12.51 -3.18
CA TYR A 153 11.03 11.61 -2.81
C TYR A 153 11.05 10.37 -3.70
N GLY A 154 9.97 9.59 -3.65
CA GLY A 154 9.86 8.36 -4.41
C GLY A 154 9.94 8.56 -5.91
N ARG A 155 9.34 9.64 -6.40
CA ARG A 155 9.36 9.99 -7.83
C ARG A 155 10.76 10.38 -8.34
N SER A 156 11.66 10.72 -7.41
CA SER A 156 13.06 10.99 -7.73
C SER A 156 13.95 9.77 -7.85
N LEU A 157 13.49 8.62 -7.37
CA LEU A 157 14.33 7.43 -7.32
C LEU A 157 14.42 6.77 -8.70
N THR A 158 15.60 6.24 -9.01
CA THR A 158 15.87 5.52 -10.26
C THR A 158 16.40 4.13 -9.93
N LYS A 159 16.65 3.32 -10.96
CA LYS A 159 17.27 2.01 -10.76
C LYS A 159 18.56 2.09 -9.95
N GLU A 160 19.34 3.14 -10.16
CA GLU A 160 20.59 3.34 -9.41
C GLU A 160 20.39 3.68 -7.92
N THR A 161 19.30 4.38 -7.57
CA THR A 161 19.07 4.85 -6.19
C THR A 161 17.90 4.21 -5.42
N ILE A 162 17.15 3.29 -6.05
CA ILE A 162 15.97 2.70 -5.40
C ILE A 162 16.29 1.86 -4.15
N LYS A 163 17.40 1.13 -4.17
CA LYS A 163 17.78 0.34 -3.00
C LYS A 163 18.03 1.23 -1.77
N ASP A 164 18.89 2.25 -1.93
CA ASP A 164 19.14 3.22 -0.86
C ASP A 164 17.91 4.05 -0.51
N GLY A 165 17.06 4.31 -1.50
CA GLY A 165 15.81 5.04 -1.28
C GLY A 165 14.84 4.30 -0.38
N VAL A 166 14.70 3.00 -0.61
CA VAL A 166 13.89 2.13 0.24
C VAL A 166 14.54 1.90 1.61
N SER A 167 15.85 1.74 1.66
N SER A 167 15.86 1.72 1.62
CA SER A 167 16.54 1.43 2.92
CA SER A 167 16.63 1.50 2.86
C SER A 167 16.52 2.58 3.94
C SER A 167 16.37 2.55 3.92
N ARG A 168 16.26 3.81 3.50
CA ARG A 168 16.07 4.95 4.42
C ARG A 168 14.90 4.73 5.39
N PHE A 169 13.85 4.05 4.92
CA PHE A 169 12.70 3.73 5.75
C PHE A 169 13.06 2.94 7.01
N PHE A 170 14.07 2.08 6.87
CA PHE A 170 14.48 1.19 7.95
C PHE A 170 15.68 1.71 8.76
N HIS A 171 16.04 2.99 8.65
CA HIS A 171 17.12 3.61 9.46
C HIS A 171 16.55 4.21 10.75
N ASN A 172 16.68 3.48 11.88
CA ASN A 172 16.40 3.92 13.28
C ASN A 172 16.85 2.89 14.33
N GLY A 173 16.87 3.30 15.58
CA GLY A 173 17.48 2.52 16.66
C GLY A 173 18.98 2.41 16.50
N TYR A 174 19.61 3.48 15.98
CA TYR A 174 21.06 3.57 15.76
C TYR A 174 21.62 2.51 14.77
N CYS A 175 20.79 2.11 13.81
CA CYS A 175 21.08 0.94 12.98
C CYS A 175 20.13 0.83 11.80
N LEU A 176 20.48 -0.05 10.86
CA LEU A 176 19.55 -0.53 9.84
C LEU A 176 18.69 -1.63 10.46
N ARG A 177 17.37 -1.48 10.41
CA ARG A 177 16.43 -2.44 11.02
C ARG A 177 16.19 -3.65 10.12
N LYS A 178 17.19 -4.51 10.01
CA LYS A 178 17.10 -5.71 9.17
C LYS A 178 16.02 -6.69 9.66
N ASP A 179 15.67 -6.68 10.95
CA ASP A 179 14.48 -7.43 11.44
C ASP A 179 13.18 -6.98 10.78
N ALA A 180 12.99 -5.68 10.66
CA ALA A 180 11.81 -5.13 10.00
C ALA A 180 11.86 -5.42 8.49
N VAL A 181 13.06 -5.35 7.90
CA VAL A 181 13.23 -5.68 6.46
C VAL A 181 12.85 -7.15 6.20
N ALA A 182 13.37 -8.06 7.01
CA ALA A 182 13.07 -9.48 6.80
C ALA A 182 11.60 -9.82 7.04
N ALA A 183 11.02 -9.24 8.08
CA ALA A 183 9.60 -9.41 8.37
C ALA A 183 8.72 -8.89 7.23
N SER A 184 9.11 -7.75 6.64
CA SER A 184 8.35 -7.19 5.51
C SER A 184 8.37 -8.13 4.29
N ILE A 185 9.53 -8.70 3.99
CA ILE A 185 9.65 -9.72 2.93
C ILE A 185 8.69 -10.89 3.19
N GLN A 186 8.70 -11.41 4.42
CA GLN A 186 7.86 -12.56 4.80
C GLN A 186 6.37 -12.23 4.69
N LYS A 187 5.99 -11.01 5.08
CA LYS A 187 4.58 -10.57 4.91
C LYS A 187 4.18 -10.35 3.45
N ILE A 188 5.07 -9.73 2.66
CA ILE A 188 4.81 -9.48 1.22
C ILE A 188 4.68 -10.81 0.49
N GLU A 189 5.50 -11.79 0.86
CA GLU A 189 5.44 -13.10 0.21
C GLU A 189 4.05 -13.75 0.31
N LYS A 190 3.34 -13.57 1.43
CA LYS A 190 1.97 -14.09 1.55
C LYS A 190 1.00 -13.39 0.60
N ILE A 191 1.19 -12.08 0.45
CA ILE A 191 0.39 -11.31 -0.50
C ILE A 191 0.70 -11.77 -1.92
N LEU A 192 1.99 -11.99 -2.22
CA LEU A 192 2.39 -12.50 -3.53
C LEU A 192 1.74 -13.84 -3.80
N GLN A 193 1.74 -14.73 -2.80
CA GLN A 193 1.07 -16.02 -2.92
C GLN A 193 -0.42 -15.92 -3.22
N TRP A 194 -1.11 -14.97 -2.58
CA TRP A 194 -2.51 -14.69 -2.90
C TRP A 194 -2.66 -14.29 -4.37
N PHE A 195 -1.80 -13.38 -4.83
CA PHE A 195 -1.86 -12.93 -6.24
C PHE A 195 -1.57 -14.07 -7.24
N GLU A 196 -0.70 -15.00 -6.86
CA GLU A 196 -0.43 -16.13 -7.75
C GLU A 196 -1.49 -17.25 -7.75
N ASN A 197 -2.50 -17.11 -6.88
CA ASN A 197 -3.62 -18.04 -6.75
C ASN A 197 -4.97 -17.38 -7.05
N GLN A 198 -4.97 -16.23 -7.74
CA GLN A 198 -6.23 -15.60 -8.17
C GLN A 198 -6.12 -15.00 -9.58
N LYS A 199 -7.21 -15.13 -10.34
CA LYS A 199 -7.30 -14.57 -11.69
C LYS A 199 -8.64 -13.87 -11.90
N GLN A 200 -9.08 -13.14 -10.89
CA GLN A 200 -10.38 -12.48 -10.93
C GLN A 200 -10.35 -10.97 -10.69
N LEU A 201 -9.23 -10.44 -10.17
CA LEU A 201 -9.07 -9.01 -9.93
C LEU A 201 -7.70 -8.53 -10.39
N ASN A 202 -7.67 -7.37 -11.05
CA ASN A 202 -6.42 -6.69 -11.37
C ASN A 202 -6.46 -5.32 -10.71
N PHE A 203 -5.33 -4.92 -10.13
CA PHE A 203 -5.23 -3.77 -9.23
C PHE A 203 -4.27 -2.73 -9.80
N TYR A 204 -4.79 -1.52 -10.09
CA TYR A 204 -3.96 -0.44 -10.64
C TYR A 204 -3.95 0.69 -9.64
N ALA A 205 -2.79 1.33 -9.50
CA ALA A 205 -2.60 2.44 -8.56
C ALA A 205 -2.96 2.11 -7.10
N SER A 206 -2.85 0.85 -6.71
N SER A 206 -2.82 0.84 -6.73
CA SER A 206 -3.07 0.46 -5.33
CA SER A 206 -3.06 0.37 -5.37
C SER A 206 -1.73 0.35 -4.66
C SER A 206 -1.71 0.35 -4.66
N SER A 207 -1.75 0.32 -3.33
CA SER A 207 -0.53 0.44 -2.52
C SER A 207 -0.40 -0.61 -1.45
N LEU A 208 0.82 -0.73 -0.94
CA LEU A 208 1.11 -1.43 0.29
C LEU A 208 1.51 -0.43 1.36
N LEU A 209 0.91 -0.57 2.54
CA LEU A 209 1.27 0.22 3.71
C LEU A 209 2.10 -0.66 4.60
N PHE A 210 3.34 -0.23 4.85
CA PHE A 210 4.29 -0.90 5.73
C PHE A 210 4.33 -0.15 7.03
N VAL A 211 4.28 -0.88 8.13
CA VAL A 211 4.43 -0.30 9.45
C VAL A 211 5.35 -1.17 10.30
N TYR A 212 6.30 -0.54 10.98
CA TYR A 212 7.07 -1.21 12.04
C TYR A 212 7.20 -0.31 13.26
N GLU A 213 7.64 -0.91 14.36
CA GLU A 213 7.74 -0.22 15.63
C GLU A 213 9.07 0.52 15.73
N GLY A 214 8.99 1.85 15.85
CA GLY A 214 10.19 2.69 15.96
C GLY A 214 10.77 2.86 17.35
N SER A 215 9.97 2.61 18.40
CA SER A 215 10.42 2.89 19.78
C SER A 215 11.51 1.93 20.23
N SER A 220 12.57 -6.01 16.72
CA SER A 220 11.58 -6.91 17.29
C SER A 220 10.94 -7.85 16.25
N GLY A 221 11.12 -7.56 14.96
CA GLY A 221 10.56 -8.41 13.88
C GLY A 221 9.08 -8.36 13.51
N GLY A 222 8.24 -7.52 14.10
CA GLY A 222 8.55 -6.74 15.27
C GLY A 222 7.39 -5.98 15.81
N GLU A 223 6.23 -6.56 15.59
CA GLU A 223 5.15 -5.80 15.09
C GLU A 223 5.74 -5.25 13.75
N VAL A 224 5.49 -5.98 12.65
CA VAL A 224 5.48 -5.36 11.33
C VAL A 224 4.07 -5.62 10.79
N GLU A 225 3.51 -4.59 10.16
CA GLU A 225 2.28 -4.74 9.39
C GLU A 225 2.54 -4.42 7.94
N VAL A 226 1.98 -5.23 7.03
CA VAL A 226 1.94 -4.89 5.59
C VAL A 226 0.50 -5.11 5.13
N ARG A 227 -0.16 -4.05 4.69
CA ARG A 227 -1.55 -4.13 4.27
C ARG A 227 -1.75 -3.47 2.94
N MET A 228 -2.66 -4.05 2.14
CA MET A 228 -3.04 -3.47 0.87
C MET A 228 -4.07 -2.38 1.11
N ILE A 229 -3.90 -1.24 0.43
CA ILE A 229 -4.85 -0.14 0.44
C ILE A 229 -5.02 0.48 -0.95
N ASP A 230 -5.98 1.40 -1.06
CA ASP A 230 -6.23 2.25 -2.25
C ASP A 230 -6.81 1.45 -3.43
N PHE A 231 -8.13 1.33 -3.45
CA PHE A 231 -8.83 0.42 -4.36
C PHE A 231 -9.81 1.11 -5.33
N ALA A 232 -9.46 2.33 -5.78
CA ALA A 232 -10.29 3.07 -6.74
C ALA A 232 -10.12 2.59 -8.18
N HIS A 233 -9.11 1.75 -8.44
CA HIS A 233 -8.86 1.20 -9.78
C HIS A 233 -8.62 -0.31 -9.76
N VAL A 234 -9.54 -1.04 -9.17
CA VAL A 234 -9.52 -2.50 -9.18
C VAL A 234 -10.61 -2.98 -10.10
N PHE A 235 -10.23 -3.84 -11.05
CA PHE A 235 -11.17 -4.27 -12.10
C PHE A 235 -11.29 -5.78 -12.21
N PRO A 236 -12.46 -6.28 -12.66
CA PRO A 236 -12.56 -7.72 -12.92
C PRO A 236 -11.57 -8.13 -14.00
N SER A 237 -11.05 -9.35 -13.88
CA SER A 237 -10.08 -9.84 -14.83
C SER A 237 -10.27 -11.31 -15.11
N ASN A 238 -9.56 -11.76 -16.15
CA ASN A 238 -9.52 -13.16 -16.56
C ASN A 238 -8.09 -13.72 -16.45
N THR A 239 -7.16 -12.91 -15.95
CA THR A 239 -5.73 -13.24 -15.96
C THR A 239 -5.07 -12.89 -14.65
N ILE A 240 -3.85 -13.39 -14.51
CA ILE A 240 -2.97 -13.01 -13.41
C ILE A 240 -2.69 -11.52 -13.50
N ASP A 241 -2.63 -10.85 -12.36
CA ASP A 241 -2.23 -9.45 -12.34
C ASP A 241 -0.70 -9.37 -12.47
N GLU A 242 -0.24 -9.37 -13.72
CA GLU A 242 1.18 -9.54 -14.00
C GLU A 242 2.02 -8.36 -13.57
N GLY A 243 1.47 -7.15 -13.71
CA GLY A 243 2.18 -5.96 -13.29
C GLY A 243 2.33 -5.90 -11.78
N TYR A 244 1.30 -6.33 -11.05
CA TYR A 244 1.35 -6.32 -9.58
C TYR A 244 2.39 -7.34 -9.10
N VAL A 245 2.32 -8.54 -9.69
CA VAL A 245 3.27 -9.60 -9.36
C VAL A 245 4.72 -9.13 -9.60
N TYR A 246 4.97 -8.54 -10.78
CA TYR A 246 6.32 -8.02 -11.11
C TYR A 246 6.80 -7.01 -10.08
N GLY A 247 5.93 -6.09 -9.67
CA GLY A 247 6.27 -5.10 -8.67
C GLY A 247 6.57 -5.68 -7.29
N LEU A 248 5.73 -6.62 -6.85
CA LEU A 248 5.96 -7.28 -5.58
C LEU A 248 7.30 -8.02 -5.57
N LYS A 249 7.54 -8.74 -6.66
CA LYS A 249 8.80 -9.49 -6.80
C LYS A 249 10.01 -8.58 -6.79
N HIS A 250 9.94 -7.49 -7.53
CA HIS A 250 11.04 -6.53 -7.54
C HIS A 250 11.23 -5.91 -6.17
N LEU A 251 10.12 -5.56 -5.51
CA LEU A 251 10.21 -5.00 -4.17
C LEU A 251 10.87 -5.99 -3.19
N ILE A 252 10.44 -7.26 -3.25
CA ILE A 252 11.08 -8.33 -2.46
C ILE A 252 12.58 -8.44 -2.73
N SER A 253 12.98 -8.38 -4.00
N SER A 253 12.96 -8.36 -4.00
CA SER A 253 14.39 -8.45 -4.39
CA SER A 253 14.36 -8.45 -4.40
C SER A 253 15.21 -7.28 -3.83
C SER A 253 15.20 -7.29 -3.85
N VAL A 254 14.65 -6.09 -3.89
CA VAL A 254 15.28 -4.90 -3.29
C VAL A 254 15.44 -5.08 -1.78
N LEU A 255 14.35 -5.44 -1.09
CA LEU A 255 14.41 -5.69 0.33
C LEU A 255 15.45 -6.76 0.68
N ARG A 256 15.50 -7.84 -0.10
CA ARG A 256 16.45 -8.93 0.13
C ARG A 256 17.90 -8.44 0.00
N SER A 257 18.16 -7.58 -0.98
CA SER A 257 19.50 -7.02 -1.15
C SER A 257 19.90 -6.13 0.02
N ILE A 258 18.92 -5.43 0.62
CA ILE A 258 19.17 -4.61 1.82
C ILE A 258 19.64 -5.48 3.01
N LEU A 259 19.15 -6.70 3.10
CA LEU A 259 19.65 -7.65 4.12
C LEU A 259 21.16 -7.94 4.04
N ASP A 260 21.80 -7.71 2.89
CA ASP A 260 23.26 -7.86 2.74
C ASP A 260 24.09 -6.61 3.10
N ASN A 261 23.45 -5.52 3.50
CA ASN A 261 24.16 -4.25 3.79
C ASN A 261 25.15 -4.37 4.94
#